data_5FBW
#
_entry.id   5FBW
#
_cell.length_a   49.066
_cell.length_b   104.091
_cell.length_c   187.559
_cell.angle_alpha   90.00
_cell.angle_beta   90.00
_cell.angle_gamma   90.00
#
_symmetry.space_group_name_H-M   'P 21 21 21'
#
loop_
_entity.id
_entity.type
_entity.pdbx_description
1 polymer 'Phosphatidylinositol 4-kinase beta,Phosphatidylinositol 4-kinase beta'
2 polymer 'Ras-related protein Rab-11A'
3 non-polymer ~{N}-[2-[[6-chloranyl-3-[4-methoxy-3-[[(2~{R})-1-oxidanylbutan-2-yl]sulfamoyl]phenyl]-2-methyl-imidazo[1,2-b]pyridazin-8-yl]amino]ethyl]ethanamide
4 non-polymer "5'-GUANOSINE-DIPHOSPHATE-MONOTHIOPHOSPHATE"
#
loop_
_entity_poly.entity_id
_entity_poly.type
_entity_poly.pdbx_seq_one_letter_code
_entity_poly.pdbx_strand_id
1 'polypeptide(L)'
;SWLLRLFESKLFDISMAISYLYNSKEPGVQAYIGNRLFCFRNEDVDFYLPQLLNMYIHMDEDVGDAIKPYIVHRCRQSIN
FSLQCALLLGAYSSDMHISTQRHSRGTKLRKLILSDELKPAHRKRELPSLSPAPDTGLSPSKRTHQRSKSDATASISLSS
NLKRTASNPKVENEDEELSSSTESIDNSFSSPVRLAPEREFIKSLMAIGKRLATLPTKEQKTQRLISELSLLNHKLPARV
WLPTAGFDHHVVRVPHTQAVVLNSKDKAPYLIYVEVLECENFDTTSVPARIPENRRDPEDPSAVALKEPWQEKVRRIREG
SPYGHLPNWRLLSVIVKCGDDLRQELLAFQVLKQLQSIWEQERVPLWIKPYKILVISADSGMIEPVVNAVSIHQVKKQSQ
LSLLDYFLQEHGSYTTEAFLSAQRNFVQSCAGYCLVCYLLQVKDRHNGNILLDAEGHIIHIDFGFILSSSPRNLGFETSA
FKLTTEFVDVMGGLDGDMFNYYKMLMLQGLIAARKHMDKVVQIVEIMQQGSQLPCFHGSSTIRNLKERFHMSMTEEQLQL
LVEQMVDGSMRS
;
A
2 'polypeptide(L)'
;GAMGSMGTRDDEYDYLFKVVLIGDSGVGKSNLLSRFTRNEFNLESKSTIGVEFATRSIQVDGKTIKAQIWDTAGLERYRA
ITSAYYRGAVGALLVYDIAKHLTYENVERWLKELRDHADSNIVIMLVGNKSDLRHLRAVPTDEARAFAEKNGLSFIETSA
LDSTNVEAAFQTILTEIYRIVSQKQMSDRRENDMSPSNNVVPIHVPPTTENKPKVQCCQNI
;
B
#
# COMPACT_ATOMS: atom_id res chain seq x y z
N SER A 1 -25.98 11.01 1.25
CA SER A 1 -25.07 12.02 0.71
C SER A 1 -24.00 12.39 1.72
N TRP A 2 -24.22 12.03 2.98
CA TRP A 2 -23.32 12.43 4.07
C TRP A 2 -21.96 11.76 3.92
N LEU A 3 -21.98 10.54 3.40
CA LEU A 3 -20.76 9.80 3.11
C LEU A 3 -20.07 10.43 1.90
N LEU A 4 -20.80 10.47 0.79
CA LEU A 4 -20.37 11.09 -0.44
C LEU A 4 -19.88 12.51 -0.23
N ARG A 5 -20.45 13.18 0.77
CA ARG A 5 -20.03 14.53 1.09
C ARG A 5 -18.58 14.50 1.48
N LEU A 6 -18.24 13.60 2.39
CA LEU A 6 -16.88 13.44 2.87
C LEU A 6 -15.90 13.08 1.74
N PHE A 7 -16.24 12.03 1.00
CA PHE A 7 -15.42 11.54 -0.11
C PHE A 7 -15.12 12.58 -1.18
N GLU A 8 -15.98 13.59 -1.31
CA GLU A 8 -15.73 14.61 -2.33
C GLU A 8 -14.98 15.80 -1.78
N SER A 9 -14.68 15.79 -0.49
CA SER A 9 -13.91 16.88 0.13
C SER A 9 -12.42 16.67 -0.02
N LYS A 10 -11.66 17.68 0.36
CA LYS A 10 -10.20 17.61 0.34
C LYS A 10 -9.75 16.56 1.36
N LEU A 11 -10.57 16.40 2.40
CA LEU A 11 -10.35 15.46 3.51
C LEU A 11 -10.09 14.02 3.07
N PHE A 12 -10.46 13.69 1.83
CA PHE A 12 -10.32 12.32 1.33
C PHE A 12 -8.87 12.05 0.92
N ASP A 13 -8.23 11.14 1.65
CA ASP A 13 -6.93 10.64 1.24
C ASP A 13 -6.88 9.12 1.20
N ILE A 14 -5.81 8.59 0.61
CA ILE A 14 -5.63 7.14 0.50
C ILE A 14 -5.80 6.43 1.84
N SER A 15 -5.42 7.09 2.93
CA SER A 15 -5.57 6.51 4.27
C SER A 15 -7.03 6.22 4.55
N MET A 16 -7.83 7.27 4.45
CA MET A 16 -9.27 7.18 4.64
C MET A 16 -9.90 6.12 3.76
N ALA A 17 -9.49 6.13 2.48
CA ALA A 17 -10.00 5.18 1.50
C ALA A 17 -9.90 3.75 1.97
N ILE A 18 -8.72 3.34 2.39
CA ILE A 18 -8.51 1.95 2.78
C ILE A 18 -9.33 1.62 4.01
N SER A 19 -9.45 2.56 4.93
CA SER A 19 -10.18 2.32 6.16
C SER A 19 -11.63 1.97 5.86
N TYR A 20 -12.27 2.77 5.03
CA TYR A 20 -13.66 2.55 4.66
C TYR A 20 -13.75 1.25 3.86
N LEU A 21 -12.79 1.09 2.95
CA LEU A 21 -12.69 -0.13 2.16
C LEU A 21 -12.60 -1.40 3.02
N TYR A 22 -11.84 -1.33 4.11
CA TYR A 22 -11.58 -2.51 4.94
C TYR A 22 -12.80 -2.86 5.78
N ASN A 23 -13.54 -1.82 6.18
CA ASN A 23 -14.62 -1.96 7.17
C ASN A 23 -16.01 -2.00 6.53
N SER A 24 -16.26 -1.05 5.63
CA SER A 24 -17.54 -0.91 4.96
C SER A 24 -17.92 -2.20 4.26
N LYS A 25 -19.16 -2.64 4.47
CA LYS A 25 -19.66 -3.80 3.75
C LYS A 25 -20.50 -3.41 2.54
N GLU A 26 -20.63 -2.12 2.28
CA GLU A 26 -21.41 -1.66 1.15
C GLU A 26 -20.58 -1.74 -0.12
N PRO A 27 -21.00 -2.61 -1.06
CA PRO A 27 -20.26 -2.80 -2.31
C PRO A 27 -20.30 -1.55 -3.18
N GLY A 28 -21.30 -0.70 -2.99
CA GLY A 28 -21.42 0.51 -3.77
C GLY A 28 -20.32 1.48 -3.39
N VAL A 29 -19.91 1.41 -2.13
CA VAL A 29 -18.86 2.28 -1.62
C VAL A 29 -17.51 1.76 -2.10
N GLN A 30 -17.32 0.44 -1.93
CA GLN A 30 -16.12 -0.27 -2.34
C GLN A 30 -15.74 0.03 -3.78
N ALA A 31 -16.71 -0.14 -4.68
CA ALA A 31 -16.49 0.11 -6.10
C ALA A 31 -16.19 1.60 -6.35
N TYR A 32 -16.90 2.48 -5.66
CA TYR A 32 -16.63 3.91 -5.78
C TYR A 32 -15.20 4.26 -5.42
N ILE A 33 -14.66 3.61 -4.40
CA ILE A 33 -13.32 3.94 -3.95
C ILE A 33 -12.30 3.33 -4.90
N GLY A 34 -12.52 2.07 -5.27
CA GLY A 34 -11.74 1.41 -6.30
C GLY A 34 -11.45 2.30 -7.49
N ASN A 35 -12.47 3.04 -7.90
CA ASN A 35 -12.31 3.98 -9.00
C ASN A 35 -11.55 5.24 -8.63
N ARG A 36 -11.75 5.71 -7.40
CA ARG A 36 -11.15 6.97 -6.99
C ARG A 36 -9.65 6.85 -6.80
N LEU A 37 -9.14 5.62 -6.65
CA LEU A 37 -7.71 5.41 -6.51
C LEU A 37 -6.94 6.05 -7.66
N PHE A 38 -7.49 5.95 -8.86
CA PHE A 38 -6.82 6.44 -10.06
C PHE A 38 -6.48 7.94 -10.02
N CYS A 39 -7.31 8.73 -9.35
CA CYS A 39 -7.10 10.18 -9.30
C CYS A 39 -5.90 10.55 -8.42
N PHE A 40 -5.52 9.67 -7.50
CA PHE A 40 -4.44 9.99 -6.55
C PHE A 40 -3.09 9.86 -7.23
N ARG A 41 -2.08 10.52 -6.68
CA ARG A 41 -0.74 10.40 -7.22
C ARG A 41 -0.20 9.00 -6.95
N ASN A 42 0.42 8.43 -7.96
CA ASN A 42 0.99 7.08 -7.90
C ASN A 42 1.77 6.88 -6.61
N GLU A 43 2.50 7.92 -6.21
CA GLU A 43 3.42 7.85 -5.09
C GLU A 43 2.73 7.57 -3.75
N ASP A 44 1.58 8.22 -3.55
CA ASP A 44 0.88 8.12 -2.26
C ASP A 44 0.29 6.73 -2.04
N VAL A 45 -0.24 6.16 -3.13
CA VAL A 45 -0.92 4.87 -3.09
C VAL A 45 0.06 3.70 -2.92
N ASP A 46 1.22 3.83 -3.53
CA ASP A 46 2.28 2.81 -3.49
C ASP A 46 2.60 2.32 -2.08
N PHE A 47 2.75 3.26 -1.15
CA PHE A 47 3.11 2.94 0.24
C PHE A 47 2.18 1.90 0.85
N TYR A 48 0.97 1.80 0.32
CA TYR A 48 -0.04 0.91 0.90
C TYR A 48 -0.20 -0.40 0.15
N LEU A 49 0.69 -0.67 -0.81
CA LEU A 49 0.60 -1.86 -1.64
C LEU A 49 0.53 -3.16 -0.84
N PRO A 50 1.26 -3.23 0.29
CA PRO A 50 1.22 -4.48 1.04
C PRO A 50 -0.18 -4.73 1.62
N GLN A 51 -0.88 -3.65 1.96
CA GLN A 51 -2.21 -3.75 2.54
C GLN A 51 -3.22 -4.18 1.50
N LEU A 52 -3.24 -3.42 0.40
CA LEU A 52 -4.13 -3.69 -0.73
C LEU A 52 -4.08 -5.15 -1.19
N LEU A 53 -2.87 -5.65 -1.45
CA LEU A 53 -2.68 -7.02 -1.93
C LEU A 53 -3.10 -8.05 -0.88
N ASN A 54 -2.96 -7.71 0.39
CA ASN A 54 -3.36 -8.64 1.44
C ASN A 54 -4.87 -8.83 1.43
N MET A 55 -5.59 -7.71 1.37
CA MET A 55 -7.03 -7.73 1.21
C MET A 55 -7.48 -8.58 0.03
N TYR A 56 -6.91 -8.29 -1.15
CA TYR A 56 -7.19 -9.07 -2.35
C TYR A 56 -7.15 -10.56 -2.06
N ILE A 57 -6.10 -10.99 -1.37
CA ILE A 57 -5.92 -12.40 -1.06
C ILE A 57 -6.95 -12.91 -0.07
N HIS A 58 -7.12 -12.21 1.05
CA HIS A 58 -7.80 -12.81 2.20
C HIS A 58 -9.24 -12.35 2.38
N MET A 59 -9.70 -11.40 1.56
CA MET A 59 -11.05 -10.87 1.76
C MET A 59 -12.04 -11.34 0.71
N ASP A 60 -13.31 -11.02 0.91
CA ASP A 60 -14.38 -11.34 -0.03
C ASP A 60 -14.15 -10.90 -1.46
N GLU A 61 -14.68 -11.69 -2.37
CA GLU A 61 -14.53 -11.48 -3.80
C GLU A 61 -14.95 -10.06 -4.16
N ASP A 62 -16.04 -9.60 -3.54
CA ASP A 62 -16.57 -8.24 -3.70
C ASP A 62 -15.47 -7.18 -3.59
N VAL A 63 -14.60 -7.37 -2.60
CA VAL A 63 -13.55 -6.42 -2.29
C VAL A 63 -12.49 -6.47 -3.39
N GLY A 64 -12.05 -7.69 -3.69
CA GLY A 64 -11.16 -7.94 -4.80
C GLY A 64 -11.52 -7.31 -6.15
N ASP A 65 -12.76 -7.47 -6.61
CA ASP A 65 -13.11 -6.96 -7.93
C ASP A 65 -13.00 -5.45 -8.00
N ALA A 66 -13.12 -4.80 -6.85
CA ALA A 66 -13.00 -3.36 -6.77
C ALA A 66 -11.53 -2.94 -6.83
N ILE A 67 -10.67 -3.80 -6.27
CA ILE A 67 -9.23 -3.58 -6.22
C ILE A 67 -8.47 -3.91 -7.50
N LYS A 68 -8.87 -4.99 -8.16
CA LYS A 68 -8.08 -5.58 -9.25
C LYS A 68 -7.75 -4.59 -10.36
N PRO A 69 -8.77 -3.88 -10.89
CA PRO A 69 -8.60 -2.97 -12.01
C PRO A 69 -7.46 -1.96 -11.84
N TYR A 70 -7.36 -1.35 -10.66
CA TYR A 70 -6.29 -0.39 -10.42
C TYR A 70 -4.92 -1.06 -10.48
N ILE A 71 -4.84 -2.27 -9.92
CA ILE A 71 -3.59 -3.01 -9.88
C ILE A 71 -3.08 -3.29 -11.28
N VAL A 72 -3.94 -3.88 -12.09
CA VAL A 72 -3.63 -4.20 -13.48
C VAL A 72 -3.17 -2.98 -14.26
N HIS A 73 -3.88 -1.86 -14.10
CA HIS A 73 -3.48 -0.60 -14.72
C HIS A 73 -2.04 -0.21 -14.39
N ARG A 74 -1.67 -0.29 -13.11
CA ARG A 74 -0.32 0.07 -12.69
C ARG A 74 0.68 -0.89 -13.26
N CYS A 75 0.33 -2.17 -13.18
CA CYS A 75 1.17 -3.21 -13.72
C CYS A 75 1.52 -2.98 -15.19
N ARG A 76 0.58 -2.44 -15.95
CA ARG A 76 0.80 -2.24 -17.38
C ARG A 76 1.68 -1.04 -17.71
N GLN A 77 1.80 -0.13 -16.76
CA GLN A 77 2.58 1.08 -17.01
C GLN A 77 3.89 1.06 -16.21
N SER A 78 4.10 0.01 -15.42
CA SER A 78 5.31 -0.12 -14.60
C SER A 78 5.59 -1.59 -14.29
N ILE A 79 6.73 -2.09 -14.77
CA ILE A 79 7.10 -3.47 -14.53
C ILE A 79 7.62 -3.66 -13.11
N ASN A 80 8.21 -2.60 -12.58
CA ASN A 80 8.59 -2.58 -11.18
C ASN A 80 7.38 -2.93 -10.33
N PHE A 81 6.30 -2.17 -10.52
CA PHE A 81 5.05 -2.44 -9.84
C PHE A 81 4.61 -3.88 -10.08
N SER A 82 4.68 -4.30 -11.34
CA SER A 82 4.33 -5.67 -11.70
C SER A 82 5.11 -6.66 -10.84
N LEU A 83 6.41 -6.43 -10.76
CA LEU A 83 7.31 -7.31 -10.05
C LEU A 83 6.91 -7.45 -8.59
N GLN A 84 6.75 -6.31 -7.95
CA GLN A 84 6.50 -6.26 -6.52
C GLN A 84 5.20 -6.93 -6.14
N CYS A 85 4.20 -6.76 -6.99
CA CYS A 85 2.92 -7.47 -6.86
C CYS A 85 3.11 -8.98 -6.86
N ALA A 86 3.78 -9.48 -7.89
CA ALA A 86 3.95 -10.91 -8.06
C ALA A 86 4.65 -11.50 -6.85
N LEU A 87 5.70 -10.84 -6.40
CA LEU A 87 6.44 -11.29 -5.23
C LEU A 87 5.57 -11.31 -3.98
N LEU A 88 4.84 -10.21 -3.77
CA LEU A 88 3.92 -10.08 -2.64
C LEU A 88 2.72 -11.03 -2.68
N LEU A 89 2.10 -11.15 -3.84
CA LEU A 89 0.99 -12.08 -4.03
C LEU A 89 1.32 -13.48 -3.54
N GLY A 90 2.50 -13.95 -3.93
CA GLY A 90 2.97 -15.28 -3.60
C GLY A 90 3.27 -15.49 -2.12
N ALA A 91 4.02 -14.55 -1.53
CA ALA A 91 4.44 -14.67 -0.16
C ALA A 91 3.27 -14.81 0.81
N TYR A 92 2.19 -14.08 0.54
CA TYR A 92 1.06 -14.02 1.48
C TYR A 92 -0.02 -15.10 1.22
N SER A 93 0.34 -16.18 0.54
CA SER A 93 -0.61 -17.29 0.37
C SER A 93 0.05 -18.67 0.43
N SER A 94 0.01 -19.28 1.62
CA SER A 94 0.57 -20.62 1.81
C SER A 94 -0.10 -21.34 2.98
N ARG A 105 -7.35 -17.89 -4.97
CA ARG A 105 -7.66 -16.47 -5.14
C ARG A 105 -6.47 -15.62 -5.55
N GLY A 106 -5.38 -15.77 -4.81
CA GLY A 106 -4.14 -15.08 -5.10
C GLY A 106 -3.52 -15.58 -6.40
N THR A 107 -3.43 -16.90 -6.50
CA THR A 107 -2.64 -17.56 -7.53
C THR A 107 -3.08 -17.17 -8.95
N LYS A 108 -4.38 -17.13 -9.19
CA LYS A 108 -4.93 -16.78 -10.50
C LYS A 108 -4.35 -15.48 -11.05
N LEU A 109 -4.24 -14.48 -10.20
CA LEU A 109 -3.79 -13.14 -10.61
C LEU A 109 -2.28 -13.04 -10.78
N ARG A 110 -1.53 -13.74 -9.92
CA ARG A 110 -0.07 -13.78 -10.01
C ARG A 110 0.47 -14.22 -11.36
N LYS A 111 0.01 -15.38 -11.84
CA LYS A 111 0.42 -15.90 -13.14
C LYS A 111 0.09 -14.93 -14.28
N LEU A 112 -1.04 -14.26 -14.17
CA LEU A 112 -1.44 -13.27 -15.16
C LEU A 112 -0.46 -12.09 -15.17
N ILE A 113 0.03 -11.73 -13.99
CA ILE A 113 0.98 -10.63 -13.85
C ILE A 113 2.39 -11.01 -14.34
N LEU A 114 2.84 -12.20 -13.96
CA LEU A 114 4.12 -12.73 -14.42
C LEU A 114 4.14 -12.89 -15.94
N SER A 115 2.97 -13.18 -16.52
CA SER A 115 2.81 -13.15 -17.97
C SER A 115 2.80 -11.73 -18.50
N ARG A 194 10.03 -11.67 -21.51
CA ARG A 194 9.17 -10.51 -21.25
C ARG A 194 9.50 -9.83 -19.91
N LEU A 195 9.31 -10.55 -18.81
CA LEU A 195 9.82 -10.13 -17.51
C LEU A 195 10.80 -11.18 -16.96
N ALA A 196 11.10 -12.15 -17.81
CA ALA A 196 11.86 -13.36 -17.52
C ALA A 196 13.26 -13.15 -16.89
N PRO A 197 14.04 -12.19 -17.44
CA PRO A 197 15.38 -11.79 -16.97
C PRO A 197 15.46 -11.46 -15.49
N GLU A 198 14.54 -10.64 -14.99
CA GLU A 198 14.57 -10.27 -13.60
C GLU A 198 14.36 -11.44 -12.64
N ARG A 199 13.37 -12.31 -12.87
CA ARG A 199 13.14 -13.42 -11.93
C ARG A 199 14.32 -14.38 -11.81
N GLU A 200 15.11 -14.54 -12.88
CA GLU A 200 16.27 -15.42 -12.80
C GLU A 200 17.36 -14.69 -12.03
N PHE A 201 17.42 -13.38 -12.23
CA PHE A 201 18.46 -12.56 -11.64
C PHE A 201 18.33 -12.72 -10.13
N ILE A 202 17.09 -12.58 -9.65
CA ILE A 202 16.83 -12.70 -8.23
C ILE A 202 17.11 -14.11 -7.72
N LYS A 203 16.64 -15.10 -8.47
CA LYS A 203 16.75 -16.49 -8.04
C LYS A 203 18.23 -16.87 -7.90
N SER A 204 19.05 -16.38 -8.83
CA SER A 204 20.47 -16.71 -8.86
C SER A 204 21.06 -16.24 -7.53
N LEU A 205 20.66 -15.03 -7.16
CA LEU A 205 21.26 -14.34 -6.04
C LEU A 205 21.04 -15.10 -4.75
N MET A 206 19.82 -15.63 -4.57
CA MET A 206 19.52 -16.42 -3.39
C MET A 206 20.25 -17.74 -3.49
N ALA A 207 20.19 -18.35 -4.67
CA ALA A 207 20.81 -19.64 -4.91
C ALA A 207 22.25 -19.58 -4.42
N ILE A 208 22.92 -18.47 -4.72
CA ILE A 208 24.22 -18.14 -4.13
C ILE A 208 24.22 -18.24 -2.61
N GLY A 209 23.32 -17.51 -1.96
CA GLY A 209 23.25 -17.48 -0.51
C GLY A 209 23.08 -18.86 0.12
N LYS A 210 22.24 -19.68 -0.51
CA LYS A 210 21.96 -21.02 -0.01
C LYS A 210 23.22 -21.87 -0.13
N ARG A 211 24.03 -21.56 -1.14
CA ARG A 211 25.24 -22.32 -1.39
C ARG A 211 26.29 -22.13 -0.29
N LEU A 212 26.38 -20.90 0.22
CA LEU A 212 27.35 -20.60 1.28
C LEU A 212 27.10 -21.42 2.55
N ALA A 213 25.97 -22.09 2.61
CA ALA A 213 25.56 -22.91 3.75
C ALA A 213 26.52 -24.07 4.09
N THR A 214 27.13 -24.65 3.07
CA THR A 214 28.08 -25.75 3.27
C THR A 214 29.44 -25.30 3.78
N LEU A 215 29.70 -24.00 3.72
CA LEU A 215 30.96 -23.44 4.19
C LEU A 215 30.78 -22.81 5.57
N PRO A 216 31.34 -23.46 6.60
CA PRO A 216 31.07 -23.21 8.02
C PRO A 216 31.70 -21.95 8.65
N THR A 217 32.58 -21.24 7.96
CA THR A 217 33.10 -19.99 8.53
C THR A 217 32.76 -18.76 7.72
N LYS A 218 32.58 -17.65 8.44
CA LYS A 218 32.28 -16.35 7.83
C LYS A 218 33.23 -16.03 6.68
N GLU A 219 34.52 -16.06 6.98
CA GLU A 219 35.57 -15.73 6.01
C GLU A 219 35.56 -16.63 4.77
N GLN A 220 35.30 -17.92 4.96
CA GLN A 220 35.19 -18.86 3.85
C GLN A 220 34.04 -18.52 2.93
N LYS A 221 32.92 -18.13 3.54
CA LYS A 221 31.72 -17.76 2.80
C LYS A 221 32.05 -16.60 1.87
N THR A 222 32.68 -15.58 2.45
CA THR A 222 33.07 -14.37 1.73
C THR A 222 33.89 -14.61 0.46
N GLN A 223 34.88 -15.50 0.54
CA GLN A 223 35.69 -15.84 -0.63
C GLN A 223 34.86 -16.40 -1.79
N ARG A 224 33.94 -17.32 -1.48
CA ARG A 224 33.10 -17.96 -2.48
C ARG A 224 32.12 -16.98 -3.10
N LEU A 225 31.67 -16.05 -2.26
CA LEU A 225 30.73 -15.05 -2.70
C LEU A 225 31.38 -14.23 -3.81
N ILE A 226 32.56 -13.68 -3.52
CA ILE A 226 33.24 -12.83 -4.47
C ILE A 226 33.43 -13.57 -5.79
N SER A 227 33.91 -14.81 -5.71
CA SER A 227 34.12 -15.61 -6.91
C SER A 227 32.82 -15.75 -7.72
N GLU A 228 31.75 -16.18 -7.05
CA GLU A 228 30.51 -16.50 -7.74
C GLU A 228 29.81 -15.25 -8.26
N LEU A 229 29.99 -14.15 -7.55
CA LEU A 229 29.50 -12.85 -8.00
C LEU A 229 30.19 -12.42 -9.29
N SER A 230 31.45 -12.81 -9.45
CA SER A 230 32.24 -12.45 -10.63
C SER A 230 31.60 -13.01 -11.89
N LEU A 231 30.92 -14.15 -11.71
CA LEU A 231 30.23 -14.81 -12.80
C LEU A 231 29.00 -14.03 -13.26
N LEU A 232 28.46 -13.20 -12.38
CA LEU A 232 27.32 -12.35 -12.71
C LEU A 232 27.67 -11.26 -13.73
N ASN A 233 28.91 -10.79 -13.74
CA ASN A 233 29.28 -9.72 -14.65
C ASN A 233 29.22 -10.18 -16.11
N HIS A 234 29.34 -11.49 -16.29
CA HIS A 234 29.21 -12.11 -17.60
C HIS A 234 27.85 -11.91 -18.31
N LYS A 235 26.82 -11.71 -17.49
CA LYS A 235 25.51 -11.26 -17.93
C LYS A 235 25.26 -9.88 -17.36
N LEU A 236 26.34 -9.21 -16.93
CA LEU A 236 26.23 -8.00 -16.12
C LEU A 236 25.52 -6.81 -16.78
N PRO A 237 25.69 -6.61 -18.08
CA PRO A 237 25.05 -5.48 -18.75
C PRO A 237 23.54 -5.57 -18.60
N ALA A 238 23.01 -6.77 -18.70
CA ALA A 238 21.80 -7.23 -18.01
C ALA A 238 20.35 -6.87 -18.38
N ARG A 239 19.95 -5.60 -18.37
CA ARG A 239 18.53 -5.28 -18.43
C ARG A 239 17.68 -5.78 -17.24
N VAL A 240 18.25 -5.68 -16.05
CA VAL A 240 17.62 -5.83 -14.76
C VAL A 240 17.93 -4.80 -13.71
N TRP A 241 17.13 -4.74 -12.66
CA TRP A 241 17.22 -3.59 -11.76
C TRP A 241 16.99 -4.01 -10.32
N LEU A 242 17.31 -3.12 -9.39
CA LEU A 242 17.03 -3.31 -7.98
C LEU A 242 15.78 -2.54 -7.57
N PRO A 243 14.67 -3.26 -7.36
CA PRO A 243 13.40 -2.68 -6.91
C PRO A 243 13.57 -1.82 -5.66
N THR A 244 14.61 -2.14 -4.89
CA THR A 244 14.94 -1.45 -3.66
C THR A 244 15.53 -0.05 -3.90
N ALA A 245 15.78 0.30 -5.16
CA ALA A 245 16.36 1.59 -5.48
C ALA A 245 15.27 2.64 -5.59
N GLY A 246 15.56 3.84 -5.09
CA GLY A 246 14.63 4.94 -5.17
C GLY A 246 14.13 5.28 -6.57
N PHE A 247 14.81 4.77 -7.59
CA PHE A 247 14.59 5.25 -8.95
C PHE A 247 14.62 4.11 -9.97
N ASP A 248 14.37 4.44 -11.23
CA ASP A 248 14.47 3.47 -12.32
C ASP A 248 15.91 3.45 -12.80
N HIS A 249 16.40 2.28 -13.22
CA HIS A 249 17.81 2.14 -13.60
C HIS A 249 18.07 0.80 -14.27
N HIS A 250 19.29 0.65 -14.80
CA HIS A 250 19.79 -0.65 -15.22
C HIS A 250 21.01 -1.01 -14.37
N VAL A 251 21.09 -2.27 -13.94
CA VAL A 251 22.31 -2.75 -13.30
C VAL A 251 23.37 -3.05 -14.35
N VAL A 252 24.56 -2.51 -14.17
CA VAL A 252 25.63 -2.67 -15.15
C VAL A 252 26.77 -3.56 -14.67
N ARG A 253 27.07 -3.48 -13.38
CA ARG A 253 28.31 -4.08 -12.85
C ARG A 253 28.24 -4.38 -11.36
N VAL A 254 28.86 -5.49 -10.98
CA VAL A 254 29.00 -5.86 -9.59
C VAL A 254 30.48 -5.85 -9.22
N PRO A 255 30.91 -4.88 -8.40
CA PRO A 255 32.30 -4.85 -7.91
C PRO A 255 32.51 -5.96 -6.91
N HIS A 256 32.56 -7.18 -7.42
CA HIS A 256 32.63 -8.39 -6.61
C HIS A 256 33.70 -8.38 -5.53
N THR A 257 34.85 -7.79 -5.82
CA THR A 257 35.93 -7.74 -4.84
C THR A 257 35.54 -7.02 -3.54
N GLN A 258 34.53 -6.16 -3.63
CA GLN A 258 34.09 -5.35 -2.48
C GLN A 258 33.02 -6.00 -1.61
N ALA A 259 32.36 -7.03 -2.13
CA ALA A 259 31.29 -7.72 -1.41
C ALA A 259 31.74 -8.47 -0.16
N VAL A 260 30.86 -8.54 0.84
CA VAL A 260 31.18 -9.18 2.11
C VAL A 260 30.00 -9.91 2.76
N VAL A 261 30.29 -10.98 3.48
CA VAL A 261 29.26 -11.75 4.17
C VAL A 261 29.25 -11.31 5.63
N LEU A 262 28.06 -11.23 6.20
CA LEU A 262 27.84 -10.50 7.44
C LEU A 262 27.88 -11.35 8.71
N ASN A 263 27.64 -12.65 8.61
CA ASN A 263 27.86 -13.52 9.76
C ASN A 263 28.24 -14.95 9.41
N SER A 264 28.47 -15.73 10.45
CA SER A 264 28.91 -17.11 10.32
C SER A 264 27.78 -18.15 10.34
N LYS A 265 26.53 -17.70 10.31
CA LYS A 265 25.40 -18.63 10.43
C LYS A 265 25.26 -19.55 9.21
N ASP A 266 24.44 -20.58 9.35
CA ASP A 266 24.34 -21.62 8.32
C ASP A 266 23.80 -21.09 7.00
N LYS A 267 22.83 -20.19 7.10
CA LYS A 267 22.21 -19.53 5.96
C LYS A 267 22.40 -18.06 6.19
N ALA A 268 23.67 -17.68 6.20
CA ALA A 268 24.09 -16.32 6.49
C ALA A 268 23.73 -15.38 5.36
N PRO A 269 23.28 -14.18 5.73
CA PRO A 269 23.01 -13.12 4.77
C PRO A 269 24.30 -12.46 4.32
N TYR A 270 24.26 -11.84 3.14
CA TYR A 270 25.45 -11.20 2.61
C TYR A 270 25.18 -9.89 1.90
N LEU A 271 26.12 -8.97 2.05
CA LEU A 271 25.98 -7.61 1.56
C LEU A 271 26.73 -7.49 0.26
N ILE A 272 26.12 -6.86 -0.74
CA ILE A 272 26.86 -6.65 -1.98
C ILE A 272 26.69 -5.23 -2.50
N TYR A 273 27.68 -4.76 -3.26
CA TYR A 273 27.58 -3.48 -3.94
C TYR A 273 27.29 -3.67 -5.41
N VAL A 274 26.42 -2.83 -5.94
CA VAL A 274 25.97 -2.96 -7.32
C VAL A 274 26.09 -1.62 -8.04
N GLU A 275 26.57 -1.67 -9.28
CA GLU A 275 26.68 -0.46 -10.10
C GLU A 275 25.48 -0.37 -11.05
N VAL A 276 25.00 0.84 -11.24
CA VAL A 276 23.84 1.06 -12.08
C VAL A 276 23.96 2.33 -12.87
N LEU A 277 23.27 2.36 -14.00
CA LEU A 277 23.09 3.57 -14.76
C LEU A 277 21.64 4.03 -14.69
N GLU A 278 21.46 5.23 -14.16
CA GLU A 278 20.14 5.79 -13.89
C GLU A 278 19.41 5.93 -15.23
N CYS A 279 18.08 5.78 -15.19
CA CYS A 279 17.23 6.06 -16.34
C CYS A 279 16.26 7.18 -16.03
N GLU A 280 15.58 7.69 -17.05
CA GLU A 280 14.36 8.46 -16.83
C GLU A 280 13.11 7.59 -16.84
N ASN A 281 13.11 6.61 -17.74
CA ASN A 281 12.13 5.52 -17.73
C ASN A 281 12.76 4.22 -18.18
N PHE A 282 12.67 3.19 -17.34
CA PHE A 282 13.19 1.87 -17.70
C PHE A 282 12.48 1.30 -18.92
N ASP A 283 11.16 1.47 -18.95
CA ASP A 283 10.30 0.74 -19.88
C ASP A 283 10.48 1.22 -21.32
N THR A 284 11.13 2.36 -21.48
CA THR A 284 11.21 3.03 -22.78
C THR A 284 12.61 3.20 -23.35
N THR A 285 13.59 2.46 -22.84
CA THR A 285 14.96 2.77 -23.21
C THR A 285 15.74 1.52 -23.63
N SER A 286 16.87 1.77 -24.29
CA SER A 286 17.89 0.76 -24.51
C SER A 286 18.36 0.08 -23.22
N VAL A 287 19.02 -1.05 -23.39
CA VAL A 287 19.94 -1.56 -22.39
C VAL A 287 21.33 -1.05 -22.76
N PRO A 288 22.07 -0.49 -21.79
CA PRO A 288 23.37 0.09 -22.09
C PRO A 288 24.34 -0.91 -22.68
N ALA A 289 25.46 -0.43 -23.20
CA ALA A 289 26.41 -1.31 -23.85
C ALA A 289 27.45 -1.73 -22.83
N ARG A 290 27.94 -2.96 -22.95
CA ARG A 290 28.97 -3.43 -22.03
C ARG A 290 30.25 -2.63 -22.22
N ILE A 291 30.95 -2.45 -21.11
CA ILE A 291 32.28 -1.85 -21.11
C ILE A 291 33.19 -2.87 -20.44
N PRO A 292 34.25 -3.32 -21.14
CA PRO A 292 34.84 -4.61 -20.74
C PRO A 292 35.57 -4.46 -19.41
N GLU A 293 35.64 -5.53 -18.63
CA GLU A 293 36.46 -5.56 -17.43
C GLU A 293 37.95 -5.48 -17.79
N ASN A 294 38.69 -4.65 -17.04
CA ASN A 294 40.15 -4.83 -16.91
C ASN A 294 40.55 -6.09 -16.15
N VAL A 304 40.76 -3.82 -4.81
CA VAL A 304 41.07 -3.97 -3.39
C VAL A 304 39.85 -3.69 -2.54
N ALA A 305 39.74 -4.34 -1.38
CA ALA A 305 38.61 -4.12 -0.47
C ALA A 305 39.03 -3.74 0.95
N LEU A 306 38.56 -2.60 1.44
CA LEU A 306 38.83 -2.24 2.84
C LEU A 306 37.71 -1.47 3.55
N LYS A 307 37.83 -1.43 4.88
CA LYS A 307 36.97 -0.67 5.79
C LYS A 307 37.04 0.85 5.55
N GLU A 308 35.97 1.44 5.00
CA GLU A 308 35.96 2.87 4.72
C GLU A 308 34.55 3.45 4.69
N PRO A 309 34.43 4.75 5.04
CA PRO A 309 33.18 5.50 4.90
C PRO A 309 32.59 5.39 3.51
N TRP A 310 31.31 5.70 3.38
CA TRP A 310 30.60 5.45 2.15
C TRP A 310 31.04 6.33 0.97
N GLN A 311 31.23 7.63 1.21
CA GLN A 311 31.56 8.51 0.10
C GLN A 311 32.97 8.26 -0.44
N GLU A 312 33.88 7.83 0.43
CA GLU A 312 35.22 7.43 0.04
C GLU A 312 35.24 6.13 -0.76
N LYS A 313 34.26 5.26 -0.47
CA LYS A 313 34.14 3.97 -1.14
C LYS A 313 33.61 4.13 -2.56
N VAL A 314 32.75 5.13 -2.77
CA VAL A 314 32.26 5.41 -4.11
C VAL A 314 33.39 5.91 -5.00
N ARG A 315 34.19 6.84 -4.47
CA ARG A 315 35.38 7.33 -5.17
C ARG A 315 36.23 6.17 -5.67
N ARG A 316 36.66 5.32 -4.74
CA ARG A 316 37.57 4.21 -5.06
C ARG A 316 36.97 3.31 -6.14
N ILE A 317 35.70 3.01 -6.01
CA ILE A 317 35.02 2.12 -6.95
C ILE A 317 34.85 2.81 -8.29
N ARG A 318 34.53 4.10 -8.25
CA ARG A 318 34.30 4.84 -9.48
C ARG A 318 35.58 4.80 -10.30
N GLU A 319 36.69 5.19 -9.67
CA GLU A 319 37.99 5.23 -10.34
C GLU A 319 38.33 3.88 -10.94
N GLY A 320 37.95 2.82 -10.23
CA GLY A 320 38.14 1.46 -10.71
C GLY A 320 37.14 0.96 -11.74
N SER A 321 35.99 1.63 -11.84
CA SER A 321 34.91 1.08 -12.66
C SER A 321 35.05 1.47 -14.13
N PRO A 322 34.81 0.52 -15.04
CA PRO A 322 34.69 0.82 -16.47
C PRO A 322 33.72 1.97 -16.76
N TYR A 323 32.56 1.95 -16.09
CA TYR A 323 31.48 2.91 -16.38
C TYR A 323 31.62 4.19 -15.56
N GLY A 324 32.63 4.23 -14.70
CA GLY A 324 32.74 5.27 -13.69
C GLY A 324 32.83 6.70 -14.22
N HIS A 325 33.37 6.86 -15.42
CA HIS A 325 33.48 8.18 -16.03
C HIS A 325 32.13 8.82 -16.37
N LEU A 326 31.13 8.00 -16.69
CA LEU A 326 29.82 8.51 -17.10
C LEU A 326 29.13 9.26 -15.96
N PRO A 327 28.38 10.32 -16.29
CA PRO A 327 27.64 11.08 -15.29
C PRO A 327 26.41 10.31 -14.82
N ASN A 328 26.01 9.37 -15.66
CA ASN A 328 24.83 8.56 -15.41
C ASN A 328 25.04 7.54 -14.29
N TRP A 329 26.28 7.42 -13.83
CA TRP A 329 26.72 6.27 -13.05
C TRP A 329 26.53 6.48 -11.55
N ARG A 330 25.96 5.49 -10.89
CA ARG A 330 25.77 5.53 -9.45
C ARG A 330 25.96 4.15 -8.82
N LEU A 331 26.32 4.14 -7.54
CA LEU A 331 26.55 2.89 -6.83
C LEU A 331 25.46 2.61 -5.81
N LEU A 332 24.87 1.42 -5.91
CA LEU A 332 23.87 1.01 -4.93
C LEU A 332 24.39 -0.16 -4.11
N SER A 333 23.62 -0.58 -3.11
CA SER A 333 24.00 -1.68 -2.24
C SER A 333 22.76 -2.35 -1.68
N VAL A 334 22.77 -3.67 -1.60
CA VAL A 334 21.71 -4.38 -0.91
C VAL A 334 22.25 -5.55 -0.13
N ILE A 335 21.61 -5.84 0.99
CA ILE A 335 21.87 -7.03 1.76
C ILE A 335 20.94 -8.16 1.34
N VAL A 336 21.48 -9.35 1.14
CA VAL A 336 20.70 -10.49 0.71
C VAL A 336 20.43 -11.59 1.75
N LYS A 337 19.15 -11.80 2.04
CA LYS A 337 18.69 -12.83 2.99
C LYS A 337 18.05 -13.97 2.23
N CYS A 338 18.75 -15.10 2.12
CA CYS A 338 18.24 -16.19 1.31
C CYS A 338 17.23 -17.11 2.02
N GLY A 339 17.34 -17.21 3.35
CA GLY A 339 16.45 -18.09 4.10
C GLY A 339 15.67 -17.47 5.26
N ASP A 340 15.50 -16.15 5.26
CA ASP A 340 14.79 -15.49 6.35
C ASP A 340 13.55 -14.70 5.89
N ASP A 341 12.44 -14.85 6.62
CA ASP A 341 11.20 -14.13 6.30
C ASP A 341 11.30 -12.64 6.65
N LEU A 342 10.81 -11.77 5.76
CA LEU A 342 10.90 -10.33 5.98
C LEU A 342 9.54 -9.66 6.07
N ARG A 343 8.50 -10.45 6.31
CA ARG A 343 7.15 -9.91 6.26
C ARG A 343 6.86 -9.14 7.55
N GLN A 344 7.36 -9.65 8.68
CA GLN A 344 7.29 -8.93 9.93
C GLN A 344 8.10 -7.65 9.84
N GLU A 345 9.22 -7.75 9.14
CA GLU A 345 10.15 -6.65 8.96
C GLU A 345 9.52 -5.52 8.16
N LEU A 346 8.80 -5.92 7.11
CA LEU A 346 8.08 -4.98 6.26
C LEU A 346 7.02 -4.22 7.03
N LEU A 347 6.27 -4.95 7.87
CA LEU A 347 5.24 -4.35 8.69
C LEU A 347 5.81 -3.24 9.57
N ALA A 348 6.95 -3.51 10.19
CA ALA A 348 7.61 -2.54 11.06
C ALA A 348 8.04 -1.29 10.28
N PHE A 349 8.46 -1.50 9.04
CA PHE A 349 8.97 -0.43 8.19
C PHE A 349 7.89 0.61 7.94
N GLN A 350 6.70 0.13 7.60
CA GLN A 350 5.56 1.00 7.34
C GLN A 350 5.27 1.80 8.61
N VAL A 351 5.27 1.11 9.75
CA VAL A 351 4.98 1.76 11.01
C VAL A 351 6.03 2.82 11.30
N LEU A 352 7.28 2.50 11.01
CA LEU A 352 8.37 3.44 11.27
C LEU A 352 8.25 4.66 10.37
N LYS A 353 7.83 4.42 9.13
CA LYS A 353 7.71 5.47 8.14
C LYS A 353 6.57 6.43 8.48
N GLN A 354 5.45 5.86 8.91
CA GLN A 354 4.31 6.66 9.35
C GLN A 354 4.70 7.50 10.57
N LEU A 355 5.29 6.86 11.59
CA LEU A 355 5.65 7.59 12.80
C LEU A 355 6.61 8.71 12.45
N GLN A 356 7.44 8.45 11.43
CA GLN A 356 8.42 9.42 10.98
C GLN A 356 7.70 10.65 10.42
N SER A 357 6.69 10.38 9.59
CA SER A 357 5.85 11.42 9.00
C SER A 357 5.01 12.19 10.01
N ILE A 358 4.41 11.47 10.95
CA ILE A 358 3.61 12.07 12.02
C ILE A 358 4.43 13.13 12.76
N TRP A 359 5.63 12.77 13.15
CA TRP A 359 6.49 13.66 13.93
C TRP A 359 6.97 14.80 13.05
N GLU A 360 7.02 14.54 11.74
CA GLU A 360 7.34 15.56 10.76
C GLU A 360 6.19 16.57 10.59
N GLN A 361 4.95 16.08 10.51
CA GLN A 361 3.79 16.95 10.35
C GLN A 361 3.61 17.88 11.55
N GLU A 362 3.52 17.27 12.74
CA GLU A 362 3.72 17.98 14.01
C GLU A 362 5.18 18.41 14.02
N ARG A 363 5.61 19.14 15.03
CA ARG A 363 6.98 19.62 14.93
C ARG A 363 7.80 19.11 16.10
N VAL A 364 8.00 17.79 16.08
CA VAL A 364 8.66 17.08 17.16
C VAL A 364 9.96 16.59 16.56
N PRO A 365 11.10 17.06 17.10
CA PRO A 365 12.34 16.75 16.40
C PRO A 365 12.97 15.43 16.80
N LEU A 366 12.18 14.38 17.01
CA LEU A 366 12.70 13.03 17.09
C LEU A 366 13.37 12.64 15.78
N TRP A 367 14.26 11.65 15.84
CA TRP A 367 14.96 11.18 14.65
C TRP A 367 14.90 9.66 14.62
N ILE A 368 14.50 9.10 13.48
CA ILE A 368 14.59 7.66 13.26
C ILE A 368 14.88 7.37 11.81
N LYS A 369 15.26 6.14 11.53
CA LYS A 369 15.63 5.78 10.17
C LYS A 369 15.03 4.43 9.81
N PRO A 370 13.91 4.46 9.08
CA PRO A 370 13.32 3.30 8.42
C PRO A 370 14.22 2.88 7.27
N TYR A 371 14.49 1.57 7.14
CA TYR A 371 15.28 1.12 6.02
C TYR A 371 14.38 0.26 5.14
N LYS A 372 14.50 0.46 3.82
CA LYS A 372 13.63 -0.20 2.88
C LYS A 372 13.75 -1.72 3.02
N ILE A 373 12.65 -2.41 2.78
CA ILE A 373 12.57 -3.86 2.92
C ILE A 373 12.04 -4.40 1.62
N LEU A 374 12.55 -5.54 1.18
CA LEU A 374 11.94 -6.22 0.03
C LEU A 374 11.63 -7.68 0.32
N VAL A 375 10.41 -8.11 -0.01
CA VAL A 375 9.98 -9.47 0.29
C VAL A 375 9.99 -10.26 -1.01
N ILE A 376 10.71 -11.37 -1.05
CA ILE A 376 10.74 -12.22 -2.23
C ILE A 376 9.82 -13.42 -2.17
N SER A 377 9.91 -14.20 -1.10
CA SER A 377 9.29 -15.51 -1.08
C SER A 377 8.46 -15.75 0.19
N ALA A 378 8.63 -14.87 1.17
CA ALA A 378 8.19 -15.12 2.54
C ALA A 378 9.11 -16.16 3.18
N ASP A 379 10.18 -16.51 2.47
CA ASP A 379 11.29 -17.21 3.06
C ASP A 379 12.53 -16.36 2.87
N SER A 380 12.49 -15.47 1.88
CA SER A 380 13.69 -14.76 1.45
C SER A 380 13.40 -13.30 1.07
N GLY A 381 14.41 -12.44 1.21
CA GLY A 381 14.24 -11.02 0.98
C GLY A 381 15.54 -10.28 0.75
N MET A 382 15.45 -8.99 0.44
CA MET A 382 16.61 -8.10 0.39
C MET A 382 16.40 -6.90 1.32
N ILE A 383 17.49 -6.28 1.75
CA ILE A 383 17.39 -5.05 2.55
C ILE A 383 18.28 -3.95 1.99
N GLU A 384 17.77 -2.72 1.90
CA GLU A 384 18.63 -1.58 1.58
C GLU A 384 19.36 -1.12 2.85
N PRO A 385 20.70 -1.21 2.86
CA PRO A 385 21.41 -0.93 4.11
C PRO A 385 21.61 0.56 4.38
N VAL A 386 21.72 0.89 5.66
CA VAL A 386 22.14 2.22 6.09
C VAL A 386 23.65 2.34 5.92
N VAL A 387 24.15 3.36 5.25
CA VAL A 387 25.61 3.53 5.18
C VAL A 387 26.18 4.35 6.34
N ASN A 388 27.51 4.26 6.50
CA ASN A 388 28.23 4.92 7.60
C ASN A 388 27.77 4.55 9.01
N ALA A 389 27.59 3.27 9.28
CA ALA A 389 27.18 2.85 10.62
C ALA A 389 27.68 1.45 10.95
N VAL A 390 28.01 1.22 12.23
CA VAL A 390 28.39 -0.12 12.68
C VAL A 390 27.88 -0.41 14.08
N SER A 391 27.70 -1.69 14.39
CA SER A 391 27.10 -2.12 15.64
C SER A 391 27.85 -1.62 16.87
N ILE A 392 27.10 -1.34 17.94
CA ILE A 392 27.68 -0.93 19.21
C ILE A 392 28.70 -1.96 19.68
N HIS A 393 28.34 -3.23 19.51
CA HIS A 393 29.17 -4.32 20.01
C HIS A 393 30.52 -4.32 19.34
N GLN A 394 30.56 -4.13 18.02
CA GLN A 394 31.84 -4.15 17.33
C GLN A 394 32.59 -2.84 17.59
N VAL A 395 31.85 -1.74 17.68
CA VAL A 395 32.37 -0.46 18.16
C VAL A 395 33.08 -0.56 19.51
N LYS A 396 32.58 -1.43 20.39
CA LYS A 396 33.16 -1.65 21.70
C LYS A 396 34.33 -2.64 21.68
N LYS A 397 34.38 -3.49 20.66
CA LYS A 397 35.45 -4.46 20.53
C LYS A 397 36.68 -3.89 19.84
N GLN A 398 36.49 -3.01 18.86
CA GLN A 398 37.64 -2.34 18.26
C GLN A 398 38.19 -1.19 19.09
N SER A 399 37.31 -0.40 19.71
CA SER A 399 37.76 0.73 20.52
C SER A 399 38.32 0.32 21.89
N GLN A 400 37.74 -0.73 22.47
CA GLN A 400 38.01 -1.09 23.86
C GLN A 400 37.52 0.03 24.79
N LEU A 401 36.67 0.91 24.26
CA LEU A 401 36.17 2.03 25.06
C LEU A 401 34.73 1.91 25.53
N SER A 402 34.37 2.77 26.47
CA SER A 402 32.98 3.05 26.77
C SER A 402 32.42 4.00 25.73
N LEU A 403 31.11 3.90 25.52
CA LEU A 403 30.40 4.69 24.51
C LEU A 403 30.70 6.20 24.48
N LEU A 404 30.69 6.83 25.65
CA LEU A 404 31.02 8.24 25.77
C LEU A 404 32.42 8.58 25.28
N ASP A 405 33.40 7.80 25.73
CA ASP A 405 34.77 8.00 25.31
C ASP A 405 34.90 7.95 23.79
N TYR A 406 34.19 7.03 23.16
CA TYR A 406 34.23 6.91 21.71
C TYR A 406 33.67 8.18 21.05
N PHE A 407 32.58 8.70 21.61
CA PHE A 407 32.02 9.97 21.16
C PHE A 407 33.07 11.06 21.20
N LEU A 408 33.75 11.14 22.34
CA LEU A 408 34.80 12.12 22.57
C LEU A 408 35.97 11.95 21.61
N GLN A 409 36.34 10.70 21.35
CA GLN A 409 37.37 10.37 20.38
C GLN A 409 36.98 10.81 18.96
N GLU A 410 35.75 10.48 18.54
CA GLU A 410 35.40 10.63 17.13
C GLU A 410 34.93 12.03 16.78
N HIS A 411 34.50 12.80 17.79
CA HIS A 411 33.98 14.13 17.51
C HIS A 411 34.72 15.26 18.19
N GLY A 412 35.10 15.08 19.45
CA GLY A 412 35.91 16.11 20.08
C GLY A 412 35.58 16.36 21.54
N SER A 413 36.26 17.35 22.11
CA SER A 413 36.06 17.73 23.48
C SER A 413 34.67 18.33 23.49
N TYR A 414 34.01 18.36 24.65
CA TYR A 414 32.64 18.87 24.71
C TYR A 414 32.56 20.37 24.40
N THR A 415 33.72 21.00 24.21
CA THR A 415 33.72 22.39 23.76
C THR A 415 33.67 22.50 22.24
N THR A 416 33.63 21.37 21.54
CA THR A 416 33.58 21.44 20.09
C THR A 416 32.14 21.37 19.58
N GLU A 417 31.93 21.91 18.39
CA GLU A 417 30.65 21.83 17.70
C GLU A 417 30.34 20.38 17.39
N ALA A 418 31.32 19.71 16.77
CA ALA A 418 31.20 18.33 16.32
C ALA A 418 30.66 17.38 17.39
N PHE A 419 31.06 17.59 18.65
CA PHE A 419 30.57 16.74 19.71
C PHE A 419 29.12 17.08 20.07
N LEU A 420 28.87 18.35 20.31
CA LEU A 420 27.56 18.82 20.78
C LEU A 420 26.46 18.54 19.77
N SER A 421 26.78 18.68 18.49
CA SER A 421 25.89 18.28 17.40
C SER A 421 25.63 16.78 17.45
N ALA A 422 26.69 16.00 17.62
CA ALA A 422 26.58 14.55 17.68
C ALA A 422 25.74 14.13 18.89
N GLN A 423 25.91 14.84 19.99
CA GLN A 423 25.13 14.57 21.18
C GLN A 423 23.65 14.78 20.92
N ARG A 424 23.34 15.91 20.28
CA ARG A 424 21.96 16.26 19.94
C ARG A 424 21.33 15.19 19.07
N ASN A 425 22.08 14.78 18.05
CA ASN A 425 21.65 13.71 17.18
C ASN A 425 21.45 12.39 17.92
N PHE A 426 22.30 12.11 18.90
CA PHE A 426 22.11 10.93 19.74
C PHE A 426 20.78 10.90 20.47
N VAL A 427 20.52 11.98 21.21
CA VAL A 427 19.36 12.06 22.09
C VAL A 427 18.05 11.97 21.33
N GLN A 428 18.00 12.66 20.19
CA GLN A 428 16.82 12.68 19.37
C GLN A 428 16.54 11.29 18.80
N SER A 429 17.60 10.57 18.45
CA SER A 429 17.44 9.22 17.90
C SER A 429 17.08 8.22 19.00
N CYS A 430 17.50 8.48 20.23
CA CYS A 430 17.14 7.62 21.35
C CYS A 430 15.66 7.66 21.70
N ALA A 431 15.11 8.86 21.79
CA ALA A 431 13.70 9.02 22.13
C ALA A 431 12.80 8.40 21.07
N GLY A 432 13.10 8.70 19.81
CA GLY A 432 12.38 8.10 18.70
C GLY A 432 12.30 6.60 18.84
N TYR A 433 13.45 5.94 18.95
CA TYR A 433 13.47 4.49 18.88
C TYR A 433 12.94 3.86 20.16
N CYS A 434 13.11 4.53 21.29
CA CYS A 434 12.52 4.02 22.52
C CYS A 434 10.99 3.94 22.30
N LEU A 435 10.38 5.00 21.77
CA LEU A 435 8.93 5.07 21.60
C LEU A 435 8.45 3.99 20.65
N VAL A 436 9.22 3.81 19.57
CA VAL A 436 8.96 2.77 18.59
C VAL A 436 9.03 1.39 19.22
N CYS A 437 10.05 1.18 20.04
CA CYS A 437 10.21 -0.09 20.73
C CYS A 437 9.01 -0.31 21.66
N TYR A 438 8.63 0.75 22.36
CA TYR A 438 7.51 0.66 23.28
C TYR A 438 6.22 0.40 22.53
N LEU A 439 5.91 1.27 21.57
CA LEU A 439 4.69 1.16 20.79
C LEU A 439 4.54 -0.20 20.11
N LEU A 440 5.61 -0.68 19.51
CA LEU A 440 5.61 -1.99 18.86
C LEU A 440 5.96 -3.12 19.83
N GLN A 441 6.25 -2.76 21.07
CA GLN A 441 6.76 -3.70 22.07
C GLN A 441 7.86 -4.57 21.47
N VAL A 442 8.95 -3.95 21.04
CA VAL A 442 10.08 -4.72 20.58
C VAL A 442 10.76 -5.41 21.76
N LYS A 443 11.39 -6.54 21.48
CA LYS A 443 12.07 -7.36 22.48
C LYS A 443 13.37 -7.88 21.91
N ASP A 444 14.27 -8.31 22.79
CA ASP A 444 15.57 -8.82 22.35
C ASP A 444 16.43 -7.66 21.90
N ARG A 445 16.49 -6.62 22.73
CA ARG A 445 17.23 -5.41 22.38
C ARG A 445 18.65 -5.47 22.95
N HIS A 446 19.65 -5.45 22.07
CA HIS A 446 21.05 -5.46 22.49
C HIS A 446 21.95 -4.76 21.48
N ASN A 447 23.23 -4.67 21.81
CA ASN A 447 24.15 -3.81 21.07
C ASN A 447 24.53 -4.37 19.70
N GLY A 448 24.19 -5.63 19.46
CA GLY A 448 24.19 -6.20 18.13
C GLY A 448 23.09 -5.67 17.20
N ASN A 449 22.01 -5.17 17.79
CA ASN A 449 20.88 -4.67 17.01
C ASN A 449 20.80 -3.16 16.91
N ILE A 450 21.79 -2.44 17.45
CA ILE A 450 21.78 -1.00 17.33
C ILE A 450 23.03 -0.46 16.62
N LEU A 451 22.81 0.28 15.54
CA LEU A 451 23.91 0.84 14.76
C LEU A 451 24.21 2.27 15.20
N LEU A 452 25.45 2.72 15.03
CA LEU A 452 25.82 4.12 15.28
C LEU A 452 26.37 4.81 14.04
N ASP A 453 25.75 5.91 13.61
CA ASP A 453 26.20 6.61 12.42
C ASP A 453 27.24 7.70 12.76
N ALA A 454 27.89 8.26 11.75
CA ALA A 454 29.03 9.14 11.99
C ALA A 454 28.65 10.50 12.59
N GLU A 455 27.36 10.81 12.59
CA GLU A 455 26.89 12.08 13.17
C GLU A 455 26.30 11.88 14.56
N GLY A 456 26.17 10.63 14.99
CA GLY A 456 25.71 10.34 16.34
C GLY A 456 24.34 9.74 16.57
N HIS A 457 23.56 9.55 15.53
CA HIS A 457 22.26 8.88 15.70
C HIS A 457 22.48 7.38 15.98
N ILE A 458 21.62 6.80 16.82
CA ILE A 458 21.52 5.34 16.87
C ILE A 458 20.41 4.84 15.94
N ILE A 459 20.50 3.58 15.55
CA ILE A 459 19.53 2.96 14.66
C ILE A 459 19.25 1.50 15.00
N HIS A 460 18.09 1.19 15.56
CA HIS A 460 17.76 -0.21 15.84
C HIS A 460 17.56 -0.90 14.49
N ILE A 461 18.04 -2.14 14.34
CA ILE A 461 17.88 -2.79 13.05
C ILE A 461 17.16 -4.14 13.00
N ASP A 462 17.01 -4.84 14.12
CA ASP A 462 16.34 -6.14 14.02
C ASP A 462 14.98 -6.17 14.72
N PHE A 463 13.93 -6.39 13.92
CA PHE A 463 12.56 -6.33 14.40
C PHE A 463 11.80 -7.65 14.37
N GLY A 464 12.50 -8.77 14.54
CA GLY A 464 11.85 -9.97 15.04
C GLY A 464 11.51 -9.77 16.50
N PHE A 465 10.55 -10.54 17.01
CA PHE A 465 10.15 -10.43 18.41
C PHE A 465 9.54 -9.05 18.70
N ILE A 466 8.35 -8.82 18.15
CA ILE A 466 7.58 -7.60 18.43
C ILE A 466 6.12 -7.94 18.69
N LEU A 467 5.43 -7.06 19.40
CA LEU A 467 4.00 -7.23 19.67
C LEU A 467 3.81 -8.54 20.42
N SER A 468 2.94 -9.41 19.91
CA SER A 468 2.60 -10.65 20.59
C SER A 468 3.77 -11.63 20.53
N PHE A 481 13.36 -2.53 25.05
CA PHE A 481 14.40 -1.51 25.03
C PHE A 481 14.88 -1.15 26.42
N LYS A 482 16.19 -1.13 26.58
CA LYS A 482 16.82 -0.98 27.88
C LYS A 482 17.59 0.34 27.86
N LEU A 483 17.64 1.01 29.01
CA LEU A 483 18.49 2.17 29.15
C LEU A 483 19.65 1.94 30.12
N THR A 484 20.76 1.48 29.57
CA THR A 484 21.95 1.20 30.35
C THR A 484 22.59 2.51 30.77
N THR A 485 23.41 2.45 31.82
CA THR A 485 24.07 3.63 32.36
C THR A 485 25.09 4.16 31.35
N GLU A 486 25.59 3.26 30.52
CA GLU A 486 26.46 3.62 29.41
C GLU A 486 25.79 4.60 28.45
N PHE A 487 24.50 4.40 28.19
CA PHE A 487 23.71 5.30 27.35
C PHE A 487 23.42 6.64 28.03
N VAL A 488 23.10 6.57 29.32
CA VAL A 488 22.77 7.74 30.11
C VAL A 488 23.98 8.67 30.26
N ASP A 489 25.16 8.08 30.26
CA ASP A 489 26.41 8.82 30.40
C ASP A 489 26.63 9.76 29.22
N VAL A 490 26.42 9.25 28.01
CA VAL A 490 26.57 10.04 26.80
C VAL A 490 25.69 11.30 26.82
N MET A 491 24.55 11.17 27.50
CA MET A 491 23.57 12.26 27.62
C MET A 491 23.96 13.33 28.63
N GLY A 492 25.08 13.13 29.31
CA GLY A 492 25.53 14.09 30.31
C GLY A 492 25.02 13.80 31.70
N GLY A 493 24.42 12.63 31.88
CA GLY A 493 24.04 12.19 33.21
C GLY A 493 22.60 12.45 33.57
N LEU A 494 22.16 11.80 34.64
CA LEU A 494 20.74 11.76 34.99
C LEU A 494 20.17 13.13 35.31
N ASP A 495 20.99 14.02 35.87
CA ASP A 495 20.50 15.35 36.21
C ASP A 495 20.54 16.29 35.00
N GLY A 496 21.15 15.83 33.91
CA GLY A 496 21.40 16.69 32.77
C GLY A 496 20.17 17.28 32.11
N ASP A 497 20.35 18.47 31.54
CA ASP A 497 19.31 19.15 30.75
C ASP A 497 19.01 18.34 29.49
N MET A 498 20.07 17.85 28.85
CA MET A 498 19.94 17.06 27.63
C MET A 498 19.21 15.75 27.91
N PHE A 499 19.37 15.23 29.11
CA PHE A 499 18.67 14.00 29.46
C PHE A 499 17.20 14.31 29.70
N ASN A 500 16.95 15.38 30.45
CA ASN A 500 15.59 15.91 30.62
C ASN A 500 14.92 16.14 29.28
N TYR A 501 15.69 16.64 28.32
CA TYR A 501 15.20 16.94 26.99
C TYR A 501 14.78 15.66 26.28
N TYR A 502 15.55 14.61 26.50
CA TYR A 502 15.23 13.28 26.01
C TYR A 502 13.84 12.88 26.47
N LYS A 503 13.55 13.14 27.74
CA LYS A 503 12.25 12.84 28.30
C LYS A 503 11.19 13.76 27.70
N MET A 504 11.59 15.00 27.46
CA MET A 504 10.71 16.00 26.90
C MET A 504 10.29 15.61 25.48
N LEU A 505 11.24 15.07 24.72
CA LEU A 505 10.97 14.68 23.34
C LEU A 505 10.01 13.51 23.33
N MET A 506 10.18 12.59 24.26
CA MET A 506 9.36 11.40 24.32
C MET A 506 7.90 11.77 24.55
N LEU A 507 7.68 12.66 25.52
CA LEU A 507 6.35 13.19 25.75
C LEU A 507 5.81 13.91 24.52
N GLN A 508 6.58 14.85 23.97
CA GLN A 508 6.15 15.55 22.77
C GLN A 508 5.78 14.60 21.64
N GLY A 509 6.63 13.60 21.42
CA GLY A 509 6.41 12.64 20.35
C GLY A 509 5.24 11.72 20.64
N LEU A 510 4.93 11.55 21.92
CA LEU A 510 3.81 10.72 22.34
C LEU A 510 2.51 11.47 22.12
N ILE A 511 2.49 12.74 22.51
CA ILE A 511 1.32 13.60 22.33
C ILE A 511 0.99 13.69 20.84
N ALA A 512 2.02 13.76 20.00
CA ALA A 512 1.86 13.82 18.55
C ALA A 512 1.28 12.50 18.05
N ALA A 513 1.86 11.40 18.53
CA ALA A 513 1.47 10.06 18.11
C ALA A 513 0.00 9.79 18.41
N ARG A 514 -0.47 10.19 19.59
CA ARG A 514 -1.88 10.02 19.95
C ARG A 514 -2.83 10.68 18.96
N LYS A 515 -2.42 11.85 18.48
CA LYS A 515 -3.21 12.61 17.53
C LYS A 515 -3.36 11.94 16.16
N HIS A 516 -2.63 10.85 15.95
CA HIS A 516 -2.64 10.18 14.66
C HIS A 516 -2.67 8.67 14.82
N MET A 517 -3.10 8.20 15.98
CA MET A 517 -3.11 6.77 16.30
C MET A 517 -3.71 5.88 15.22
N ASP A 518 -4.82 6.32 14.62
CA ASP A 518 -5.56 5.48 13.68
C ASP A 518 -4.75 5.20 12.41
N LYS A 519 -3.95 6.18 11.98
CA LYS A 519 -3.09 6.02 10.80
C LYS A 519 -2.11 4.87 11.01
N VAL A 520 -1.65 4.72 12.24
CA VAL A 520 -0.68 3.70 12.61
C VAL A 520 -1.36 2.35 12.73
N VAL A 521 -2.39 2.28 13.56
CA VAL A 521 -3.08 1.04 13.84
C VAL A 521 -3.61 0.44 12.54
N GLN A 522 -4.12 1.31 11.66
CA GLN A 522 -4.62 0.91 10.34
C GLN A 522 -3.63 -0.01 9.63
N ILE A 523 -2.37 0.44 9.58
CA ILE A 523 -1.31 -0.26 8.86
C ILE A 523 -1.17 -1.66 9.40
N VAL A 524 -1.21 -1.74 10.73
CA VAL A 524 -1.01 -3.00 11.45
C VAL A 524 -2.25 -3.90 11.43
N GLU A 525 -3.42 -3.30 11.60
CA GLU A 525 -4.66 -4.05 11.86
C GLU A 525 -5.08 -4.84 10.63
N ILE A 526 -4.85 -4.24 9.48
CA ILE A 526 -5.10 -4.87 8.19
C ILE A 526 -4.18 -6.05 7.88
N MET A 527 -2.92 -5.94 8.29
CA MET A 527 -1.97 -7.03 8.06
C MET A 527 -2.23 -8.28 8.89
N GLN A 528 -2.99 -8.16 9.97
CA GLN A 528 -3.23 -9.33 10.81
C GLN A 528 -4.10 -10.25 9.94
N GLN A 529 -4.77 -9.64 8.98
CA GLN A 529 -5.82 -10.26 8.15
C GLN A 529 -5.39 -11.63 7.59
N GLY A 530 -5.96 -12.73 8.07
CA GLY A 530 -5.57 -14.04 7.58
C GLY A 530 -4.10 -14.43 7.70
N SER A 531 -3.46 -14.00 8.77
CA SER A 531 -2.00 -13.93 8.86
C SER A 531 -1.52 -15.11 9.68
N GLN A 532 -0.40 -15.71 9.30
CA GLN A 532 0.16 -16.77 10.12
C GLN A 532 1.48 -16.37 10.78
N LEU A 533 1.75 -15.06 10.77
CA LEU A 533 2.91 -14.48 11.44
C LEU A 533 2.85 -14.63 12.96
N PRO A 534 3.98 -14.95 13.60
CA PRO A 534 4.11 -15.24 15.04
C PRO A 534 3.66 -14.08 15.93
N CYS A 535 3.77 -12.85 15.41
CA CYS A 535 3.40 -11.62 16.10
C CYS A 535 1.88 -11.42 16.26
N PHE A 536 1.09 -12.20 15.53
CA PHE A 536 -0.37 -12.14 15.63
C PHE A 536 -1.05 -13.26 16.41
N HIS A 537 -0.32 -13.94 17.29
CA HIS A 537 -0.84 -15.12 17.96
C HIS A 537 -2.07 -14.83 18.82
N GLY A 538 -2.10 -13.67 19.47
CA GLY A 538 -3.23 -13.33 20.31
C GLY A 538 -4.44 -12.84 19.54
N SER A 539 -5.63 -13.09 20.08
CA SER A 539 -6.86 -12.50 19.58
C SER A 539 -6.76 -11.02 19.89
N SER A 540 -6.17 -10.75 21.05
CA SER A 540 -6.07 -9.43 21.65
C SER A 540 -5.40 -8.44 20.70
N THR A 541 -4.45 -8.91 19.90
CA THR A 541 -3.14 -8.29 19.76
C THR A 541 -3.23 -6.81 19.41
N ILE A 542 -4.09 -6.49 18.44
CA ILE A 542 -4.36 -5.10 18.10
C ILE A 542 -5.01 -4.37 19.27
N ARG A 543 -5.95 -5.06 19.92
CA ARG A 543 -6.72 -4.45 21.00
C ARG A 543 -5.75 -3.95 22.09
N ASN A 544 -4.73 -4.76 22.40
CA ASN A 544 -3.70 -4.40 23.38
C ASN A 544 -2.88 -3.22 22.88
N LEU A 545 -2.59 -3.25 21.59
CA LEU A 545 -1.84 -2.20 20.91
C LEU A 545 -2.51 -0.84 21.09
N LYS A 546 -3.83 -0.80 20.94
CA LYS A 546 -4.57 0.45 21.06
C LYS A 546 -4.47 0.98 22.47
N GLU A 547 -4.55 0.09 23.45
CA GLU A 547 -4.43 0.46 24.86
C GLU A 547 -3.11 1.14 25.14
N ARG A 548 -2.06 0.74 24.40
CA ARG A 548 -0.71 1.26 24.66
C ARG A 548 -0.56 2.71 24.22
N PHE A 549 -1.50 3.22 23.43
CA PHE A 549 -1.52 4.65 23.13
C PHE A 549 -2.14 5.45 24.26
N HIS A 550 -2.83 4.75 25.18
CA HIS A 550 -3.50 5.38 26.33
C HIS A 550 -4.32 6.59 25.90
N MET A 551 -5.19 6.38 24.92
CA MET A 551 -5.98 7.47 24.37
C MET A 551 -6.85 8.13 25.42
N SER A 552 -7.20 7.38 26.46
CA SER A 552 -8.04 7.92 27.51
C SER A 552 -7.28 8.87 28.44
N MET A 553 -5.96 8.76 28.48
CA MET A 553 -5.17 9.47 29.48
C MET A 553 -5.10 10.99 29.25
N THR A 554 -5.02 11.75 30.34
CA THR A 554 -4.70 13.17 30.29
C THR A 554 -3.19 13.39 30.18
N GLU A 555 -2.78 14.56 29.70
CA GLU A 555 -1.36 14.84 29.48
C GLU A 555 -0.58 14.75 30.78
N GLU A 556 -1.18 15.23 31.85
CA GLU A 556 -0.59 15.07 33.18
C GLU A 556 -0.35 13.59 33.49
N GLN A 557 -1.28 12.73 33.10
CA GLN A 557 -1.11 11.30 33.27
C GLN A 557 0.04 10.79 32.42
N LEU A 558 0.21 11.39 31.24
CA LEU A 558 1.23 10.95 30.30
C LEU A 558 2.60 11.37 30.78
N GLN A 559 2.69 12.56 31.36
CA GLN A 559 3.94 13.02 31.97
C GLN A 559 4.44 12.00 32.97
N LEU A 560 3.53 11.53 33.82
CA LEU A 560 3.85 10.52 34.82
C LEU A 560 4.22 9.16 34.23
N LEU A 561 3.48 8.74 33.20
CA LEU A 561 3.72 7.45 32.57
C LEU A 561 5.08 7.38 31.89
N VAL A 562 5.48 8.49 31.27
CA VAL A 562 6.78 8.59 30.65
C VAL A 562 7.92 8.46 31.65
N GLU A 563 7.79 9.12 32.80
CA GLU A 563 8.80 9.04 33.83
C GLU A 563 8.97 7.59 34.27
N GLN A 564 7.85 6.93 34.51
CA GLN A 564 7.79 5.55 34.96
C GLN A 564 8.42 4.58 33.96
N MET A 565 8.11 4.80 32.69
CA MET A 565 8.69 4.05 31.59
C MET A 565 10.21 4.09 31.64
N VAL A 566 10.77 5.28 31.85
CA VAL A 566 12.20 5.46 31.81
C VAL A 566 12.85 4.74 32.99
N ASP A 567 12.32 4.96 34.18
CA ASP A 567 12.77 4.25 35.38
C ASP A 567 12.76 2.72 35.19
N GLY A 568 11.68 2.19 34.60
CA GLY A 568 11.59 0.77 34.30
C GLY A 568 12.69 0.34 33.35
N SER A 569 13.00 1.23 32.42
CA SER A 569 13.91 0.97 31.31
C SER A 569 15.35 0.91 31.81
N MET A 570 15.56 1.40 33.02
CA MET A 570 16.89 1.48 33.61
C MET A 570 17.29 0.28 34.45
N ARG A 571 16.32 -0.40 35.05
CA ARG A 571 16.64 -1.54 35.91
C ARG A 571 17.54 -2.52 35.15
N SER A 572 17.32 -2.61 33.84
CA SER A 572 18.00 -3.53 32.91
C SER A 572 17.18 -4.80 32.69
N TYR B 13 -52.13 14.89 -14.96
CA TYR B 13 -53.58 15.05 -15.01
C TYR B 13 -54.17 14.29 -16.20
N ASP B 14 -53.52 14.39 -17.36
CA ASP B 14 -54.08 13.85 -18.60
C ASP B 14 -53.88 12.35 -18.77
N TYR B 15 -52.70 11.88 -18.40
CA TYR B 15 -52.38 10.46 -18.53
C TYR B 15 -51.66 9.94 -17.30
N LEU B 16 -51.82 8.64 -17.05
CA LEU B 16 -51.14 7.98 -15.94
C LEU B 16 -50.33 6.81 -16.49
N PHE B 17 -49.01 6.95 -16.44
CA PHE B 17 -48.06 5.98 -16.97
C PHE B 17 -47.50 5.01 -15.94
N LYS B 18 -47.77 3.74 -16.15
CA LYS B 18 -47.23 2.72 -15.26
C LYS B 18 -45.90 2.27 -15.83
N VAL B 19 -44.86 2.48 -15.03
CA VAL B 19 -43.50 2.14 -15.42
C VAL B 19 -42.84 1.27 -14.35
N VAL B 20 -42.07 0.28 -14.78
CA VAL B 20 -41.35 -0.55 -13.82
C VAL B 20 -39.86 -0.35 -13.95
N LEU B 21 -39.15 -0.50 -12.83
CA LEU B 21 -37.72 -0.60 -12.87
C LEU B 21 -37.35 -2.04 -12.54
N ILE B 22 -36.67 -2.71 -13.46
CA ILE B 22 -36.24 -4.07 -13.21
C ILE B 22 -34.74 -4.25 -13.48
N GLY B 23 -34.16 -5.29 -12.89
CA GLY B 23 -32.75 -5.58 -13.09
C GLY B 23 -32.19 -6.36 -11.91
N ASP B 24 -30.96 -6.85 -12.05
CA ASP B 24 -30.30 -7.58 -10.97
C ASP B 24 -30.15 -6.69 -9.75
N SER B 25 -30.03 -7.32 -8.58
CA SER B 25 -29.83 -6.56 -7.35
C SER B 25 -28.44 -5.90 -7.41
N GLY B 26 -28.38 -4.60 -7.10
CA GLY B 26 -27.09 -3.94 -6.99
C GLY B 26 -26.83 -2.99 -8.14
N VAL B 27 -27.68 -3.05 -9.17
CA VAL B 27 -27.47 -2.28 -10.39
C VAL B 27 -27.80 -0.80 -10.28
N GLY B 28 -28.62 -0.42 -9.31
CA GLY B 28 -28.88 0.99 -9.07
C GLY B 28 -30.31 1.42 -9.34
N LYS B 29 -31.23 0.46 -9.38
CA LYS B 29 -32.62 0.78 -9.64
C LYS B 29 -33.13 1.79 -8.63
N SER B 30 -32.88 1.51 -7.35
CA SER B 30 -33.43 2.31 -6.26
C SER B 30 -32.84 3.72 -6.15
N ASN B 31 -31.57 3.89 -6.55
CA ASN B 31 -30.93 5.21 -6.56
C ASN B 31 -31.27 6.09 -7.75
N LEU B 32 -31.48 5.50 -8.92
CA LEU B 32 -32.07 6.22 -10.05
C LEU B 32 -33.38 6.88 -9.66
N LEU B 33 -34.23 6.11 -8.99
CA LEU B 33 -35.53 6.57 -8.54
C LEU B 33 -35.40 7.69 -7.53
N SER B 34 -34.39 7.60 -6.67
CA SER B 34 -34.23 8.61 -5.63
C SER B 34 -33.64 9.87 -6.25
N ARG B 35 -32.79 9.72 -7.25
CA ARG B 35 -32.29 10.86 -8.01
C ARG B 35 -33.43 11.52 -8.78
N PHE B 36 -34.11 10.70 -9.58
CA PHE B 36 -35.18 11.14 -10.48
C PHE B 36 -36.42 11.68 -9.76
N THR B 37 -36.75 11.11 -8.61
CA THR B 37 -37.96 11.46 -7.91
C THR B 37 -37.79 12.43 -6.74
N ARG B 38 -36.64 12.39 -6.10
CA ARG B 38 -36.38 13.33 -5.03
C ARG B 38 -35.02 14.04 -5.11
N ASN B 39 -34.27 13.79 -6.17
CA ASN B 39 -32.93 14.33 -6.33
C ASN B 39 -32.08 14.13 -5.08
N GLU B 40 -32.03 12.89 -4.63
CA GLU B 40 -31.27 12.52 -3.45
C GLU B 40 -30.47 11.30 -3.83
N PHE B 41 -29.27 11.18 -3.28
CA PHE B 41 -28.45 9.99 -3.52
C PHE B 41 -27.81 9.52 -2.23
N ASN B 42 -27.52 8.23 -2.19
CA ASN B 42 -26.77 7.65 -1.08
C ASN B 42 -25.99 6.40 -1.49
N LEU B 43 -24.72 6.41 -1.09
CA LEU B 43 -23.79 5.29 -1.25
C LEU B 43 -24.19 4.15 -0.34
N GLU B 44 -24.66 4.47 0.86
CA GLU B 44 -25.12 3.43 1.75
C GLU B 44 -26.40 2.91 1.15
N SER B 45 -26.61 1.61 1.23
CA SER B 45 -27.68 0.97 0.45
C SER B 45 -28.55 0.02 1.27
N LYS B 46 -29.78 0.43 1.54
CA LYS B 46 -30.75 -0.52 2.06
C LYS B 46 -31.42 -1.21 0.89
N SER B 47 -31.31 -2.53 0.85
CA SER B 47 -31.90 -3.33 -0.23
C SER B 47 -33.38 -2.97 -0.35
N THR B 48 -33.92 -2.92 -1.56
CA THR B 48 -35.37 -2.79 -1.66
C THR B 48 -36.05 -4.12 -1.40
N ILE B 49 -36.93 -4.12 -0.40
CA ILE B 49 -37.64 -5.34 -0.03
C ILE B 49 -38.97 -5.35 -0.77
N GLY B 50 -39.04 -6.11 -1.84
CA GLY B 50 -40.27 -6.23 -2.61
C GLY B 50 -40.52 -5.14 -3.63
N VAL B 51 -41.09 -4.03 -3.18
CA VAL B 51 -41.50 -2.99 -4.12
C VAL B 51 -41.54 -1.57 -3.54
N GLU B 52 -41.21 -0.59 -4.36
CA GLU B 52 -41.41 0.82 -4.02
C GLU B 52 -42.07 1.44 -5.24
N PHE B 53 -42.94 2.43 -5.07
CA PHE B 53 -42.97 3.54 -6.03
C PHE B 53 -42.69 4.90 -5.41
N ALA B 54 -42.40 5.83 -6.30
CA ALA B 54 -42.29 7.23 -5.99
C ALA B 54 -42.77 7.85 -7.28
N THR B 55 -43.24 9.09 -7.23
CA THR B 55 -43.94 9.61 -8.38
C THR B 55 -43.55 11.04 -8.72
N ARG B 56 -43.60 11.35 -10.00
CA ARG B 56 -43.29 12.68 -10.46
C ARG B 56 -44.00 12.93 -11.79
N SER B 57 -44.52 14.15 -11.92
CA SER B 57 -45.33 14.53 -13.07
C SER B 57 -44.49 15.40 -13.99
N ILE B 58 -44.62 15.19 -15.29
CA ILE B 58 -43.91 16.03 -16.23
C ILE B 58 -44.82 16.48 -17.36
N GLN B 59 -44.29 17.38 -18.20
CA GLN B 59 -45.07 17.93 -19.30
C GLN B 59 -44.46 17.57 -20.64
N VAL B 60 -45.25 16.96 -21.51
CA VAL B 60 -44.79 16.69 -22.87
C VAL B 60 -45.76 17.30 -23.87
N ASP B 61 -45.23 18.06 -24.81
CA ASP B 61 -46.02 18.75 -25.84
C ASP B 61 -47.17 19.54 -25.23
N GLY B 62 -46.92 20.17 -24.09
CA GLY B 62 -47.95 20.99 -23.44
C GLY B 62 -49.05 20.17 -22.79
N LYS B 63 -48.78 18.90 -22.53
CA LYS B 63 -49.74 18.03 -21.84
C LYS B 63 -49.23 17.53 -20.49
N THR B 64 -50.09 17.60 -19.48
CA THR B 64 -49.77 17.16 -18.13
C THR B 64 -49.89 15.65 -17.99
N ILE B 65 -48.77 14.98 -17.75
CA ILE B 65 -48.82 13.55 -17.58
C ILE B 65 -48.50 13.28 -16.13
N LYS B 66 -48.41 12.01 -15.74
CA LYS B 66 -47.91 11.63 -14.44
C LYS B 66 -47.27 10.27 -14.53
N ALA B 67 -46.02 10.17 -14.15
CA ALA B 67 -45.34 8.90 -14.23
C ALA B 67 -45.36 8.26 -12.85
N GLN B 68 -45.73 6.99 -12.83
CA GLN B 68 -45.69 6.23 -11.59
C GLN B 68 -44.63 5.15 -11.72
N ILE B 69 -43.50 5.32 -11.04
CA ILE B 69 -42.39 4.40 -11.22
C ILE B 69 -42.35 3.39 -10.09
N TRP B 70 -42.20 2.12 -10.45
CA TRP B 70 -42.13 1.05 -9.47
C TRP B 70 -40.77 0.35 -9.43
N ASP B 71 -40.06 0.48 -8.31
CA ASP B 71 -38.79 -0.23 -8.13
C ASP B 71 -39.06 -1.62 -7.55
N THR B 72 -38.08 -2.51 -7.68
CA THR B 72 -38.26 -3.90 -7.24
C THR B 72 -36.95 -4.46 -6.67
N ALA B 80 -37.04 -12.84 -3.32
CA ALA B 80 -38.35 -12.23 -3.42
C ALA B 80 -38.69 -12.01 -4.88
N ILE B 81 -38.56 -13.06 -5.67
CA ILE B 81 -38.67 -12.93 -7.11
C ILE B 81 -40.03 -12.43 -7.57
N THR B 82 -41.10 -12.92 -6.97
CA THR B 82 -42.42 -12.62 -7.49
C THR B 82 -42.87 -11.19 -7.20
N SER B 83 -42.54 -10.27 -8.09
CA SER B 83 -43.10 -8.96 -7.94
C SER B 83 -44.37 -8.96 -8.76
N ALA B 84 -44.27 -9.43 -10.00
CA ALA B 84 -45.41 -9.74 -10.82
C ALA B 84 -46.30 -8.52 -10.84
N TYR B 85 -45.68 -7.36 -10.67
CA TYR B 85 -46.42 -6.12 -10.46
C TYR B 85 -46.60 -5.48 -11.83
N TYR B 86 -46.09 -6.17 -12.83
CA TYR B 86 -45.94 -5.62 -14.15
C TYR B 86 -47.29 -5.19 -14.69
N ARG B 87 -48.24 -6.08 -14.52
CA ARG B 87 -49.46 -5.94 -15.28
C ARG B 87 -49.88 -4.51 -15.49
N GLY B 88 -50.38 -4.24 -16.68
CA GLY B 88 -50.81 -2.91 -17.06
C GLY B 88 -49.62 -2.00 -16.92
N ALA B 89 -48.44 -2.58 -17.07
CA ALA B 89 -47.21 -1.83 -16.89
C ALA B 89 -46.82 -1.50 -18.33
N VAL B 90 -46.94 -0.22 -18.70
CA VAL B 90 -46.70 0.24 -20.05
C VAL B 90 -45.24 0.49 -20.38
N GLY B 91 -44.42 0.76 -19.37
CA GLY B 91 -43.03 1.05 -19.67
C GLY B 91 -42.16 0.40 -18.60
N ALA B 92 -40.96 0.03 -19.01
CA ALA B 92 -40.01 -0.59 -18.12
C ALA B 92 -38.61 -0.09 -18.40
N LEU B 93 -37.96 0.41 -17.35
CA LEU B 93 -36.54 0.67 -17.39
C LEU B 93 -35.76 -0.55 -16.90
N LEU B 94 -35.05 -1.19 -17.81
CA LEU B 94 -34.25 -2.38 -17.50
C LEU B 94 -32.81 -1.95 -17.30
N VAL B 95 -32.29 -2.11 -16.09
CA VAL B 95 -31.01 -1.54 -15.71
C VAL B 95 -29.91 -2.57 -15.42
N TYR B 96 -28.70 -2.28 -15.88
CA TYR B 96 -27.55 -3.10 -15.54
C TYR B 96 -26.39 -2.23 -15.07
N ASP B 97 -25.47 -2.80 -14.29
CA ASP B 97 -24.31 -2.07 -13.82
C ASP B 97 -23.15 -2.25 -14.78
N ILE B 98 -22.76 -1.16 -15.44
CA ILE B 98 -21.67 -1.20 -16.40
C ILE B 98 -20.37 -1.74 -15.82
N ALA B 99 -20.19 -1.65 -14.51
CA ALA B 99 -18.93 -2.06 -13.89
C ALA B 99 -18.93 -3.50 -13.40
N LYS B 100 -20.06 -4.19 -13.58
CA LYS B 100 -20.15 -5.61 -13.20
C LYS B 100 -20.77 -6.40 -14.34
N HIS B 101 -19.93 -7.02 -15.17
CA HIS B 101 -20.34 -7.65 -16.42
C HIS B 101 -21.50 -8.63 -16.26
N LEU B 102 -21.50 -9.41 -15.19
CA LEU B 102 -22.56 -10.38 -14.92
C LEU B 102 -23.97 -9.77 -14.97
N THR B 103 -24.11 -8.55 -14.46
CA THR B 103 -25.41 -7.87 -14.46
C THR B 103 -25.90 -7.63 -15.89
N TYR B 104 -24.95 -7.44 -16.80
CA TYR B 104 -25.23 -7.31 -18.22
C TYR B 104 -25.65 -8.65 -18.85
N GLU B 105 -25.04 -9.73 -18.36
CA GLU B 105 -25.32 -11.06 -18.88
C GLU B 105 -26.77 -11.52 -18.70
N ASN B 106 -27.39 -11.16 -17.58
CA ASN B 106 -28.77 -11.58 -17.29
C ASN B 106 -29.85 -10.77 -18.00
N VAL B 107 -29.45 -9.80 -18.81
CA VAL B 107 -30.40 -8.98 -19.54
C VAL B 107 -31.23 -9.82 -20.51
N GLU B 108 -30.65 -10.91 -20.99
CA GLU B 108 -31.38 -11.83 -21.86
C GLU B 108 -32.48 -12.52 -21.07
N ARG B 109 -32.14 -12.93 -19.86
CA ARG B 109 -33.07 -13.65 -19.01
C ARG B 109 -34.10 -12.67 -18.46
N TRP B 110 -33.72 -11.39 -18.45
CA TRP B 110 -34.62 -10.33 -18.00
C TRP B 110 -35.61 -9.91 -19.09
N LEU B 111 -35.31 -10.24 -20.34
CA LEU B 111 -36.23 -9.98 -21.44
C LEU B 111 -37.13 -11.17 -21.73
N LYS B 112 -36.66 -12.37 -21.40
CA LYS B 112 -37.50 -13.55 -21.48
C LYS B 112 -38.60 -13.53 -20.41
N GLU B 113 -38.23 -13.30 -19.15
CA GLU B 113 -39.25 -13.24 -18.11
C GLU B 113 -40.14 -12.03 -18.27
N LEU B 114 -39.66 -11.06 -19.03
CA LEU B 114 -40.44 -9.86 -19.27
C LEU B 114 -41.75 -10.24 -19.97
N ARG B 115 -41.62 -10.71 -21.22
CA ARG B 115 -42.77 -11.10 -22.02
C ARG B 115 -43.81 -11.93 -21.25
N ASP B 116 -43.35 -12.77 -20.34
CA ASP B 116 -44.21 -13.87 -19.88
C ASP B 116 -45.14 -13.41 -18.75
N HIS B 117 -44.69 -12.44 -17.97
CA HIS B 117 -45.41 -12.07 -16.76
C HIS B 117 -45.74 -10.60 -16.89
N ALA B 118 -45.54 -10.09 -18.10
CA ALA B 118 -45.63 -8.66 -18.37
C ALA B 118 -46.15 -8.44 -19.77
N ASP B 119 -46.69 -7.25 -20.01
CA ASP B 119 -47.28 -6.88 -21.29
C ASP B 119 -46.34 -7.20 -22.46
N SER B 120 -46.91 -7.83 -23.49
CA SER B 120 -46.16 -8.36 -24.62
C SER B 120 -45.80 -7.27 -25.63
N ASN B 121 -46.35 -6.09 -25.42
CA ASN B 121 -45.95 -4.89 -26.16
C ASN B 121 -45.67 -3.71 -25.23
N ILE B 122 -44.66 -3.88 -24.39
CA ILE B 122 -44.23 -2.82 -23.48
C ILE B 122 -43.02 -2.10 -24.04
N VAL B 123 -42.93 -0.81 -23.74
CA VAL B 123 -41.80 0.00 -24.18
C VAL B 123 -40.65 -0.22 -23.21
N ILE B 124 -39.50 -0.61 -23.75
CA ILE B 124 -38.35 -0.91 -22.93
C ILE B 124 -37.13 -0.06 -23.26
N MET B 125 -36.52 0.50 -22.22
CA MET B 125 -35.23 1.14 -22.36
C MET B 125 -34.18 0.42 -21.53
N LEU B 126 -33.10 0.01 -22.17
CA LEU B 126 -31.95 -0.55 -21.49
C LEU B 126 -31.05 0.54 -20.93
N VAL B 127 -30.64 0.37 -19.68
CA VAL B 127 -29.83 1.37 -18.99
C VAL B 127 -28.55 0.82 -18.38
N GLY B 128 -27.43 1.35 -18.83
CA GLY B 128 -26.15 1.12 -18.19
C GLY B 128 -25.91 2.18 -17.12
N ASN B 129 -25.95 1.75 -15.86
CA ASN B 129 -25.79 2.66 -14.73
C ASN B 129 -24.41 2.59 -14.10
N LYS B 130 -24.06 3.63 -13.34
CA LYS B 130 -22.76 3.77 -12.70
C LYS B 130 -21.72 4.09 -13.77
N SER B 131 -22.08 5.02 -14.67
CA SER B 131 -21.20 5.48 -15.75
C SER B 131 -20.00 6.28 -15.23
N ASP B 132 -20.15 6.82 -14.03
CA ASP B 132 -19.09 7.57 -13.37
C ASP B 132 -17.83 6.76 -13.06
N LEU B 133 -17.98 5.44 -12.90
CA LEU B 133 -16.81 4.58 -12.69
C LEU B 133 -16.06 4.32 -13.98
N ARG B 134 -15.52 5.39 -14.55
CA ARG B 134 -14.83 5.33 -15.83
C ARG B 134 -13.72 4.27 -15.85
N HIS B 135 -12.82 4.34 -14.88
CA HIS B 135 -11.63 3.48 -14.85
C HIS B 135 -11.88 2.02 -14.48
N LEU B 136 -13.08 1.74 -13.94
CA LEU B 136 -13.41 0.38 -13.54
C LEU B 136 -14.42 -0.22 -14.51
N ARG B 137 -14.60 0.46 -15.64
CA ARG B 137 -15.61 0.09 -16.63
C ARG B 137 -15.38 -1.32 -17.16
N ALA B 138 -16.42 -2.14 -17.08
CA ALA B 138 -16.32 -3.54 -17.52
C ALA B 138 -17.26 -3.91 -18.66
N VAL B 139 -18.08 -2.97 -19.12
CA VAL B 139 -19.04 -3.21 -20.21
C VAL B 139 -19.03 -2.06 -21.21
N PRO B 140 -18.49 -2.32 -22.41
CA PRO B 140 -18.34 -1.27 -23.42
C PRO B 140 -19.67 -0.85 -24.03
N THR B 141 -19.79 0.46 -24.25
CA THR B 141 -21.02 1.06 -24.76
C THR B 141 -21.46 0.46 -26.09
N ASP B 142 -20.50 0.13 -26.94
CA ASP B 142 -20.80 -0.45 -28.25
C ASP B 142 -21.42 -1.84 -28.19
N GLU B 143 -20.87 -2.74 -27.38
CA GLU B 143 -21.45 -4.08 -27.26
C GLU B 143 -22.91 -3.99 -26.80
N ALA B 144 -23.17 -3.09 -25.86
CA ALA B 144 -24.50 -2.91 -25.31
C ALA B 144 -25.42 -2.28 -26.36
N ARG B 145 -24.96 -1.16 -26.92
CA ARG B 145 -25.70 -0.41 -27.94
C ARG B 145 -25.87 -1.23 -29.22
N ALA B 146 -24.93 -2.12 -29.50
CA ALA B 146 -25.07 -3.08 -30.59
C ALA B 146 -26.28 -3.98 -30.34
N PHE B 147 -26.28 -4.64 -29.20
CA PHE B 147 -27.42 -5.45 -28.76
C PHE B 147 -28.64 -4.51 -28.69
N ALA B 148 -28.34 -3.27 -28.33
CA ALA B 148 -29.34 -2.23 -28.12
C ALA B 148 -30.15 -1.97 -29.39
N GLU B 149 -29.47 -1.75 -30.51
CA GLU B 149 -30.15 -1.43 -31.76
C GLU B 149 -30.46 -2.70 -32.56
N LYS B 150 -29.82 -3.81 -32.20
CA LYS B 150 -30.13 -5.10 -32.79
C LYS B 150 -31.56 -5.49 -32.42
N ASN B 151 -31.96 -5.14 -31.21
CA ASN B 151 -33.30 -5.43 -30.71
C ASN B 151 -34.07 -4.14 -30.38
N GLY B 152 -35.37 -4.26 -30.15
CA GLY B 152 -36.26 -3.11 -29.98
C GLY B 152 -36.15 -2.74 -28.51
N LEU B 153 -34.98 -2.25 -28.12
CA LEU B 153 -34.77 -1.54 -26.86
C LEU B 153 -34.12 -0.14 -26.96
N SER B 154 -34.41 0.71 -25.98
CA SER B 154 -33.74 2.01 -25.80
C SER B 154 -32.40 1.80 -25.07
N PHE B 155 -31.50 2.78 -25.18
CA PHE B 155 -30.09 2.56 -24.84
C PHE B 155 -29.22 3.57 -24.08
N ILE B 156 -29.82 4.56 -23.40
CA ILE B 156 -29.00 5.53 -22.68
C ILE B 156 -28.08 4.94 -21.60
N GLU B 157 -27.02 5.66 -21.25
CA GLU B 157 -26.15 5.31 -20.12
C GLU B 157 -26.25 6.38 -19.04
N THR B 158 -26.45 5.96 -17.80
CA THR B 158 -26.59 6.91 -16.71
C THR B 158 -25.60 6.74 -15.57
N SER B 159 -25.46 7.80 -14.78
CA SER B 159 -24.87 7.68 -13.46
C SER B 159 -25.84 8.30 -12.44
N ALA B 160 -26.44 7.47 -11.61
CA ALA B 160 -27.27 7.94 -10.50
C ALA B 160 -26.48 8.79 -9.49
N LEU B 161 -25.21 8.45 -9.26
CA LEU B 161 -24.38 9.19 -8.30
C LEU B 161 -24.16 10.67 -8.64
N ASP B 162 -23.85 10.96 -9.91
CA ASP B 162 -23.53 12.33 -10.33
C ASP B 162 -24.64 12.91 -11.22
N SER B 163 -25.85 12.41 -11.01
CA SER B 163 -27.02 12.90 -11.70
C SER B 163 -26.80 13.17 -13.20
N THR B 164 -26.44 12.11 -13.93
CA THR B 164 -26.13 12.21 -15.35
C THR B 164 -27.21 11.41 -16.07
N ASN B 165 -27.76 12.01 -17.14
CA ASN B 165 -28.68 11.28 -18.01
C ASN B 165 -29.93 10.76 -17.28
N VAL B 166 -30.12 11.14 -16.01
CA VAL B 166 -31.24 10.62 -15.23
C VAL B 166 -32.58 11.18 -15.71
N GLU B 167 -32.69 12.50 -15.82
CA GLU B 167 -33.90 13.09 -16.40
C GLU B 167 -34.08 12.59 -17.82
N ALA B 168 -33.01 12.65 -18.60
CA ALA B 168 -33.03 12.24 -20.01
C ALA B 168 -33.59 10.83 -20.17
N ALA B 169 -33.15 9.92 -19.30
CA ALA B 169 -33.55 8.52 -19.41
C ALA B 169 -35.07 8.39 -19.31
N PHE B 170 -35.63 8.94 -18.24
CA PHE B 170 -37.07 8.97 -18.06
C PHE B 170 -37.78 9.68 -19.22
N GLN B 171 -37.32 10.88 -19.56
CA GLN B 171 -37.98 11.69 -20.57
C GLN B 171 -37.88 11.05 -21.96
N THR B 172 -36.85 10.25 -22.20
CA THR B 172 -36.81 9.44 -23.40
C THR B 172 -37.96 8.45 -23.39
N ILE B 173 -38.06 7.64 -22.35
CA ILE B 173 -39.07 6.59 -22.36
C ILE B 173 -40.46 7.19 -22.33
N LEU B 174 -40.61 8.34 -21.67
CA LEU B 174 -41.93 8.97 -21.60
C LEU B 174 -42.31 9.55 -22.95
N THR B 175 -41.34 10.16 -23.63
CA THR B 175 -41.60 10.69 -24.97
C THR B 175 -41.84 9.50 -25.88
N GLU B 176 -40.97 8.49 -25.75
CA GLU B 176 -41.10 7.25 -26.47
C GLU B 176 -42.52 6.74 -26.28
N ILE B 177 -42.93 6.70 -25.02
CA ILE B 177 -44.24 6.23 -24.62
C ILE B 177 -45.31 7.07 -25.27
N TYR B 178 -45.16 8.40 -25.25
CA TYR B 178 -46.23 9.26 -25.68
C TYR B 178 -46.62 8.88 -27.10
N ARG B 179 -45.64 8.53 -27.91
CA ARG B 179 -45.92 8.45 -29.32
C ARG B 179 -46.59 7.13 -29.53
N ILE B 180 -47.75 7.01 -28.91
CA ILE B 180 -48.61 5.87 -29.09
C ILE B 180 -50.02 6.27 -29.47
N VAL B 181 -50.19 7.52 -29.89
CA VAL B 181 -51.52 8.09 -29.95
C VAL B 181 -52.41 7.36 -30.95
N SER B 182 -51.87 6.96 -32.10
CA SER B 182 -52.55 5.99 -32.93
C SER B 182 -54.02 6.35 -33.17
N GLN B 183 -54.30 7.60 -33.56
CA GLN B 183 -55.68 8.05 -33.75
C GLN B 183 -56.25 7.59 -35.10
N LYS B 184 -57.57 7.78 -35.26
CA LYS B 184 -58.28 7.40 -36.48
C LYS B 184 -58.10 8.42 -37.60
#